data_8II8
#
_entry.id   8II8
#
_cell.length_a   58.879
_cell.length_b   31.895
_cell.length_c   107.416
_cell.angle_alpha   90.000
_cell.angle_beta   95.939
_cell.angle_gamma   90.000
#
_symmetry.space_group_name_H-M   'I 1 2 1'
#
loop_
_entity.id
_entity.type
_entity.pdbx_description
1 polymer Chromoprotein
2 non-polymer 'ACETYL GROUP'
3 non-polymer '(2E,5E,7Z,9E,11E,13E,15Z,17E,19Z,21E,23E)-24-methyl-25-oxohexacosa-2,5,7,9,11,13,15,17,19,21,23-undecaenoic acid'
4 water water
#
_entity_poly.entity_id   1
_entity_poly.type   'polypeptide(L)'
_entity_poly.pdbx_seq_one_letter_code
;MSLTLSPLPPLSNDIYPIGRNSLGNLMTATEKAKELPQEDKSAAQFQATSQESYKSAVSQTTKESPSASLAKFCKEAETA
YPALYKAIQANDSASAKELAKSIASKLTEVATRAGNVAQAYNQGAAKAQEGQKLMKSALPGSHPVKDSVDDALQYLSPAA
QVFTSMQSSLNESAKNVVAAADKVGKVPANQIASEDSGEAIANAWAKLGVKATAQAEAYNKWQGNQ
;
_entity_poly.pdbx_strand_id   A
#
# COMPACT_ATOMS: atom_id res chain seq x y z
N SER A 2 7.51 -26.72 1.27
CA SER A 2 6.20 -26.26 0.77
C SER A 2 6.15 -24.74 0.90
N LEU A 3 5.41 -24.10 0.00
CA LEU A 3 5.28 -22.66 -0.10
C LEU A 3 3.86 -22.19 0.20
N THR A 4 3.78 -21.06 0.89
CA THR A 4 2.50 -20.47 1.24
C THR A 4 1.95 -19.68 0.03
N LEU A 5 0.74 -20.07 -0.46
CA LEU A 5 0.08 -19.41 -1.58
C LEU A 5 -1.04 -18.47 -1.14
N SER A 6 -1.44 -18.52 0.13
CA SER A 6 -2.36 -17.59 0.74
C SER A 6 -1.70 -16.24 1.02
N PRO A 7 -2.45 -15.19 1.39
CA PRO A 7 -1.79 -13.95 1.79
C PRO A 7 -0.78 -14.17 2.89
N LEU A 8 0.27 -13.35 2.83
CA LEU A 8 1.35 -13.41 3.79
C LEU A 8 1.26 -12.23 4.72
N PRO A 9 1.95 -12.29 5.88
CA PRO A 9 1.91 -11.17 6.80
C PRO A 9 2.48 -9.93 6.15
N PRO A 10 1.95 -8.73 6.42
CA PRO A 10 0.87 -8.48 7.38
C PRO A 10 -0.53 -8.54 6.77
N LEU A 11 -0.62 -8.87 5.48
CA LEU A 11 -1.92 -8.88 4.84
C LEU A 11 -2.84 -9.98 5.36
N SER A 12 -2.28 -11.00 5.98
CA SER A 12 -3.06 -12.04 6.64
C SER A 12 -3.49 -11.64 8.06
N ASN A 13 -3.12 -10.44 8.54
CA ASN A 13 -3.45 -10.04 9.89
C ASN A 13 -4.97 -9.91 10.05
N ASP A 14 -5.46 -10.13 11.26
CA ASP A 14 -6.87 -9.95 11.56
C ASP A 14 -7.32 -8.55 11.14
N ILE A 15 -6.58 -7.53 11.54
CA ILE A 15 -6.92 -6.16 11.20
C ILE A 15 -6.16 -5.80 9.93
N TYR A 16 -6.85 -5.29 8.93
CA TYR A 16 -6.20 -4.93 7.67
C TYR A 16 -5.23 -3.81 7.97
N PRO A 17 -3.99 -3.91 7.49
CA PRO A 17 -2.95 -3.02 8.00
C PRO A 17 -2.96 -1.60 7.50
N ILE A 18 -3.78 -1.31 6.48
CA ILE A 18 -3.88 -0.01 5.85
C ILE A 18 -5.26 0.59 6.17
N GLY A 19 -5.29 1.66 6.92
CA GLY A 19 -6.53 2.32 7.26
C GLY A 19 -6.27 3.35 8.35
N ARG A 20 -7.34 3.93 8.89
CA ARG A 20 -7.25 4.90 9.97
C ARG A 20 -6.51 4.31 11.17
N ASN A 21 -6.55 3.02 11.41
CA ASN A 21 -5.85 2.35 12.49
C ASN A 21 -4.36 2.59 12.41
N SER A 22 -3.82 2.63 11.20
CA SER A 22 -2.38 2.80 11.03
C SER A 22 -2.02 4.21 10.53
N LEU A 23 -2.94 4.93 9.88
CA LEU A 23 -2.65 6.15 9.14
C LEU A 23 -3.47 7.32 9.69
N GLY A 24 -4.24 7.10 10.74
CA GLY A 24 -5.12 8.12 11.23
C GLY A 24 -4.44 9.42 11.69
N ASN A 25 -3.24 9.34 12.29
CA ASN A 25 -2.53 10.56 12.72
C ASN A 25 -2.13 11.37 11.49
N LEU A 26 -1.64 10.70 10.45
CA LEU A 26 -1.27 11.38 9.21
C LEU A 26 -2.50 11.96 8.52
N MET A 27 -3.64 11.24 8.57
CA MET A 27 -4.87 11.73 7.98
C MET A 27 -5.31 13.01 8.69
N THR A 28 -5.32 13.00 10.01
CA THR A 28 -5.70 14.17 10.79
C THR A 28 -4.78 15.35 10.44
N ALA A 29 -3.47 15.09 10.36
CA ALA A 29 -2.52 16.14 10.01
C ALA A 29 -2.81 16.73 8.64
N THR A 30 -3.25 15.88 7.69
CA THR A 30 -3.56 16.31 6.36
C THR A 30 -4.82 17.19 6.30
N GLU A 31 -5.83 16.80 7.08
CA GLU A 31 -7.04 17.60 7.24
C GLU A 31 -6.71 18.96 7.84
N LYS A 32 -5.84 18.99 8.87
CA LYS A 32 -5.51 20.26 9.49
C LYS A 32 -4.74 21.14 8.48
N ALA A 33 -3.86 20.54 7.67
CA ALA A 33 -3.07 21.32 6.74
C ALA A 33 -4.00 22.00 5.73
N LYS A 34 -5.06 21.30 5.28
CA LYS A 34 -5.99 21.88 4.33
C LYS A 34 -6.63 23.15 4.88
N GLU A 35 -6.97 23.10 6.19
CA GLU A 35 -7.78 24.12 6.82
C GLU A 35 -6.98 25.24 7.49
N LEU A 36 -5.67 25.33 7.25
CA LEU A 36 -4.86 26.36 7.90
C LEU A 36 -5.44 27.74 7.57
N PRO A 37 -5.40 28.67 8.55
CA PRO A 37 -5.88 30.04 8.33
C PRO A 37 -5.01 30.75 7.30
N GLN A 38 -5.57 31.78 6.65
CA GLN A 38 -4.94 32.44 5.52
C GLN A 38 -4.88 33.96 5.71
N GLU A 39 -4.58 34.41 6.93
CA GLU A 39 -4.50 35.83 7.21
C GLU A 39 -3.04 36.31 7.30
N ASP A 40 -2.09 35.40 7.50
CA ASP A 40 -0.73 35.78 7.78
C ASP A 40 0.05 35.98 6.49
N LYS A 41 0.62 37.17 6.32
CA LYS A 41 1.35 37.50 5.13
C LYS A 41 2.69 36.78 5.08
N SER A 42 3.42 36.75 6.20
CA SER A 42 4.76 36.20 6.21
C SER A 42 4.73 34.72 5.86
N ALA A 43 3.70 34.01 6.29
CA ALA A 43 3.62 32.58 6.15
C ALA A 43 3.00 32.14 4.81
N ALA A 44 2.42 33.06 4.03
CA ALA A 44 1.51 32.67 2.96
C ALA A 44 2.16 31.72 1.94
N GLN A 45 3.39 32.03 1.50
CA GLN A 45 4.03 31.22 0.47
CA GLN A 45 4.06 31.24 0.47
C GLN A 45 4.49 29.89 1.04
N PHE A 46 5.09 29.90 2.23
CA PHE A 46 5.46 28.64 2.83
C PHE A 46 4.26 27.74 3.05
N GLN A 47 3.16 28.34 3.48
CA GLN A 47 1.96 27.59 3.73
C GLN A 47 1.41 27.02 2.41
N ALA A 48 1.42 27.81 1.33
CA ALA A 48 0.97 27.28 0.04
C ALA A 48 1.82 26.08 -0.38
N THR A 49 3.14 26.17 -0.24
CA THR A 49 4.05 25.11 -0.60
C THR A 49 3.78 23.87 0.25
N SER A 50 3.59 24.08 1.57
CA SER A 50 3.31 22.97 2.47
C SER A 50 2.02 22.26 2.06
N GLN A 51 0.97 23.05 1.79
CA GLN A 51 -0.32 22.50 1.40
C GLN A 51 -0.21 21.75 0.08
N GLU A 52 0.57 22.26 -0.85
CA GLU A 52 0.77 21.59 -2.13
CA GLU A 52 0.80 21.61 -2.14
C GLU A 52 1.53 20.29 -1.94
N SER A 53 2.45 20.22 -0.96
CA SER A 53 3.17 19.00 -0.70
C SER A 53 2.24 17.92 -0.15
N TYR A 54 1.39 18.27 0.81
CA TYR A 54 0.39 17.35 1.32
C TYR A 54 -0.51 16.89 0.18
N LYS A 55 -1.00 17.82 -0.63
CA LYS A 55 -1.97 17.49 -1.67
C LYS A 55 -1.31 16.62 -2.72
N SER A 56 -0.05 16.86 -3.08
CA SER A 56 0.66 16.05 -4.06
CA SER A 56 0.62 16.06 -4.08
C SER A 56 0.71 14.60 -3.61
N ALA A 57 1.02 14.39 -2.35
CA ALA A 57 1.15 13.06 -1.79
C ALA A 57 -0.19 12.34 -1.76
N VAL A 58 -1.26 13.01 -1.37
CA VAL A 58 -2.59 12.40 -1.38
C VAL A 58 -2.99 12.10 -2.82
N SER A 59 -2.79 13.00 -3.74
CA SER A 59 -3.12 12.78 -5.15
CA SER A 59 -3.19 12.74 -5.12
C SER A 59 -2.37 11.56 -5.70
N GLN A 60 -1.08 11.46 -5.35
CA GLN A 60 -0.25 10.30 -5.70
CA GLN A 60 -0.36 10.27 -5.80
C GLN A 60 -0.84 8.99 -5.15
N THR A 61 -1.28 9.07 -3.88
CA THR A 61 -1.93 7.93 -3.23
C THR A 61 -3.16 7.48 -4.01
N THR A 62 -3.98 8.44 -4.38
CA THR A 62 -5.18 8.14 -5.12
C THR A 62 -4.86 7.52 -6.48
N LYS A 63 -3.84 8.03 -7.19
CA LYS A 63 -3.42 7.47 -8.45
C LYS A 63 -3.10 6.00 -8.29
N GLU A 64 -2.39 5.66 -7.23
CA GLU A 64 -1.96 4.29 -7.02
C GLU A 64 -3.09 3.41 -6.51
N SER A 65 -3.88 3.90 -5.56
CA SER A 65 -4.97 3.20 -4.91
C SER A 65 -4.64 1.73 -4.69
N PRO A 66 -3.66 1.42 -3.83
CA PRO A 66 -3.23 0.05 -3.68
C PRO A 66 -4.32 -0.88 -3.12
N SER A 67 -5.13 -0.42 -2.16
CA SER A 67 -6.18 -1.28 -1.61
C SER A 67 -7.23 -1.64 -2.67
N ALA A 68 -7.63 -0.66 -3.49
CA ALA A 68 -8.57 -0.94 -4.59
C ALA A 68 -7.95 -1.97 -5.54
N SER A 69 -6.65 -1.82 -5.85
CA SER A 69 -5.99 -2.73 -6.77
CA SER A 69 -6.00 -2.75 -6.77
C SER A 69 -5.88 -4.13 -6.15
N LEU A 70 -5.58 -4.18 -4.85
CA LEU A 70 -5.55 -5.45 -4.15
C LEU A 70 -6.94 -6.12 -4.19
N ALA A 71 -8.00 -5.34 -3.91
CA ALA A 71 -9.34 -5.91 -3.92
C ALA A 71 -9.66 -6.53 -5.28
N LYS A 72 -9.25 -5.89 -6.36
CA LYS A 72 -9.47 -6.44 -7.69
C LYS A 72 -8.71 -7.76 -7.84
N PHE A 73 -7.46 -7.79 -7.39
CA PHE A 73 -6.69 -9.00 -7.42
C PHE A 73 -7.34 -10.14 -6.64
N CYS A 74 -7.87 -9.80 -5.45
CA CYS A 74 -8.46 -10.83 -4.62
C CYS A 74 -9.66 -11.47 -5.31
N LYS A 75 -10.43 -10.68 -6.07
CA LYS A 75 -11.52 -11.24 -6.86
CA LYS A 75 -11.53 -11.25 -6.83
C LYS A 75 -10.98 -12.24 -7.86
N GLU A 76 -9.91 -11.88 -8.56
CA GLU A 76 -9.29 -12.77 -9.54
C GLU A 76 -8.79 -14.03 -8.86
N ALA A 77 -8.16 -13.86 -7.69
CA ALA A 77 -7.54 -14.94 -6.93
C ALA A 77 -8.53 -16.03 -6.59
N GLU A 78 -9.81 -15.64 -6.39
CA GLU A 78 -10.81 -16.60 -6.03
C GLU A 78 -10.94 -17.71 -7.07
N THR A 79 -10.74 -17.39 -8.36
CA THR A 79 -10.74 -18.43 -9.39
C THR A 79 -9.33 -18.83 -9.79
N ALA A 80 -8.37 -17.88 -9.77
CA ALA A 80 -7.04 -18.19 -10.31
C ALA A 80 -6.32 -19.22 -9.45
N TYR A 81 -6.38 -19.11 -8.11
CA TYR A 81 -5.66 -20.07 -7.28
C TYR A 81 -6.29 -21.46 -7.37
N PRO A 82 -7.63 -21.65 -7.35
CA PRO A 82 -8.15 -23.02 -7.55
C PRO A 82 -7.69 -23.60 -8.86
N ALA A 83 -7.68 -22.79 -9.93
CA ALA A 83 -7.23 -23.31 -11.22
C ALA A 83 -5.77 -23.74 -11.18
N LEU A 84 -4.92 -22.91 -10.56
CA LEU A 84 -3.52 -23.30 -10.38
C LEU A 84 -3.42 -24.59 -9.55
N TYR A 85 -4.16 -24.68 -8.43
CA TYR A 85 -4.08 -25.84 -7.56
C TYR A 85 -4.44 -27.10 -8.35
N LYS A 86 -5.45 -27.03 -9.23
CA LYS A 86 -5.81 -28.18 -10.06
C LYS A 86 -4.69 -28.56 -11.00
N ALA A 87 -4.00 -27.57 -11.59
CA ALA A 87 -2.86 -27.84 -12.46
C ALA A 87 -1.75 -28.52 -11.66
N ILE A 88 -1.50 -28.06 -10.42
CA ILE A 88 -0.49 -28.69 -9.57
C ILE A 88 -0.83 -30.15 -9.30
N GLN A 89 -2.08 -30.38 -8.90
CA GLN A 89 -2.52 -31.73 -8.63
C GLN A 89 -2.53 -32.66 -9.85
N ALA A 90 -2.75 -32.10 -11.05
CA ALA A 90 -2.64 -32.85 -12.31
C ALA A 90 -1.20 -32.98 -12.83
N ASN A 91 -0.23 -32.51 -12.04
CA ASN A 91 1.17 -32.56 -12.47
C ASN A 91 1.31 -31.97 -13.87
N ASP A 92 0.67 -30.82 -14.08
CA ASP A 92 0.65 -30.15 -15.38
C ASP A 92 1.59 -28.95 -15.32
N SER A 93 2.87 -29.19 -15.63
CA SER A 93 3.90 -28.16 -15.46
C SER A 93 3.62 -26.95 -16.36
N ALA A 94 3.38 -27.19 -17.67
CA ALA A 94 3.27 -26.07 -18.61
C ALA A 94 2.09 -25.16 -18.24
N SER A 95 0.97 -25.77 -17.85
CA SER A 95 -0.22 -25.05 -17.40
C SER A 95 0.06 -24.30 -16.10
N ALA A 96 0.61 -25.01 -15.11
CA ALA A 96 0.90 -24.34 -13.83
C ALA A 96 1.79 -23.11 -14.02
N LYS A 97 2.85 -23.23 -14.83
CA LYS A 97 3.74 -22.11 -15.04
C LYS A 97 3.00 -20.93 -15.65
N GLU A 98 2.12 -21.19 -16.60
CA GLU A 98 1.47 -20.11 -17.31
C GLU A 98 0.51 -19.42 -16.35
N LEU A 99 -0.23 -20.21 -15.59
CA LEU A 99 -1.19 -19.67 -14.64
C LEU A 99 -0.46 -18.88 -13.52
N ALA A 100 0.65 -19.41 -13.00
CA ALA A 100 1.40 -18.74 -11.95
C ALA A 100 1.99 -17.45 -12.50
N LYS A 101 2.43 -17.45 -13.76
CA LYS A 101 3.02 -16.23 -14.32
C LYS A 101 2.00 -15.10 -14.30
N SER A 102 0.76 -15.45 -14.67
CA SER A 102 -0.32 -14.49 -14.66
C SER A 102 -0.64 -13.95 -13.28
N ILE A 103 -0.73 -14.86 -12.31
CA ILE A 103 -1.00 -14.44 -10.94
C ILE A 103 0.11 -13.51 -10.45
N ALA A 104 1.37 -13.92 -10.70
CA ALA A 104 2.51 -13.14 -10.25
C ALA A 104 2.52 -11.75 -10.88
N SER A 105 2.16 -11.64 -12.16
CA SER A 105 2.14 -10.35 -12.82
C SER A 105 1.20 -9.40 -12.11
N LYS A 106 0.03 -9.92 -11.76
CA LYS A 106 -0.96 -9.10 -11.06
C LYS A 106 -0.49 -8.71 -9.66
N LEU A 107 0.10 -9.65 -8.95
CA LEU A 107 0.61 -9.35 -7.62
C LEU A 107 1.71 -8.29 -7.66
N THR A 108 2.64 -8.42 -8.62
CA THR A 108 3.74 -7.47 -8.66
CA THR A 108 3.74 -7.51 -8.79
C THR A 108 3.25 -6.09 -9.06
N GLU A 109 2.17 -5.97 -9.86
CA GLU A 109 1.61 -4.65 -10.16
C GLU A 109 1.00 -4.03 -8.91
N VAL A 110 0.31 -4.81 -8.06
CA VAL A 110 -0.23 -4.25 -6.83
C VAL A 110 0.92 -3.84 -5.90
N ALA A 111 1.96 -4.69 -5.82
CA ALA A 111 3.11 -4.38 -4.99
C ALA A 111 3.79 -3.07 -5.43
N THR A 112 3.89 -2.86 -6.73
CA THR A 112 4.50 -1.63 -7.24
C THR A 112 3.66 -0.42 -6.84
N ARG A 113 2.32 -0.52 -6.92
CA ARG A 113 1.49 0.58 -6.46
C ARG A 113 1.75 0.90 -4.99
N ALA A 114 1.84 -0.11 -4.16
CA ALA A 114 2.16 0.11 -2.76
C ALA A 114 3.53 0.79 -2.58
N GLY A 115 4.52 0.29 -3.32
CA GLY A 115 5.82 0.88 -3.27
C GLY A 115 5.83 2.32 -3.73
N ASN A 116 5.01 2.66 -4.70
CA ASN A 116 4.94 4.01 -5.22
C ASN A 116 4.36 4.95 -4.15
N VAL A 117 3.41 4.49 -3.33
CA VAL A 117 2.88 5.29 -2.26
C VAL A 117 3.97 5.55 -1.23
N ALA A 118 4.67 4.49 -0.82
CA ALA A 118 5.78 4.64 0.10
C ALA A 118 6.78 5.66 -0.43
N GLN A 119 7.15 5.57 -1.70
CA GLN A 119 8.11 6.51 -2.26
C GLN A 119 7.57 7.93 -2.16
N ALA A 120 6.32 8.18 -2.48
CA ALA A 120 5.76 9.51 -2.37
C ALA A 120 5.87 10.04 -0.93
N TYR A 121 5.65 9.20 0.05
CA TYR A 121 5.69 9.65 1.43
C TYR A 121 7.12 9.94 1.88
N ASN A 122 8.03 9.07 1.51
CA ASN A 122 9.42 9.31 1.87
C ASN A 122 9.95 10.56 1.17
N GLN A 123 9.60 10.78 -0.11
CA GLN A 123 9.98 12.01 -0.79
C GLN A 123 9.33 13.23 -0.14
N GLY A 124 8.10 13.08 0.32
CA GLY A 124 7.41 14.14 1.04
C GLY A 124 8.14 14.52 2.33
N ALA A 125 8.74 13.53 2.99
CA ALA A 125 9.47 13.81 4.23
C ALA A 125 10.66 14.71 3.95
N ALA A 126 11.34 14.51 2.80
CA ALA A 126 12.47 15.39 2.43
C ALA A 126 11.99 16.82 2.22
N LYS A 127 10.81 17.01 1.60
CA LYS A 127 10.26 18.34 1.47
C LYS A 127 9.99 18.99 2.84
N ALA A 128 9.40 18.21 3.73
CA ALA A 128 9.10 18.70 5.06
C ALA A 128 10.39 19.06 5.81
N GLN A 129 11.47 18.32 5.61
CA GLN A 129 12.76 18.65 6.24
C GLN A 129 13.21 20.04 5.80
N GLU A 130 13.08 20.33 4.51
CA GLU A 130 13.47 21.64 3.98
C GLU A 130 12.57 22.71 4.59
N GLY A 131 11.25 22.47 4.55
CA GLY A 131 10.31 23.44 5.07
C GLY A 131 10.55 23.77 6.55
N GLN A 132 10.91 22.73 7.33
CA GLN A 132 11.10 22.94 8.75
CA GLN A 132 11.11 22.94 8.76
C GLN A 132 12.22 23.96 8.97
N LYS A 133 13.33 23.79 8.24
CA LYS A 133 14.47 24.67 8.40
C LYS A 133 14.14 26.08 7.94
N LEU A 134 13.45 26.19 6.80
CA LEU A 134 13.11 27.51 6.27
C LEU A 134 12.30 28.27 7.31
N MET A 135 11.27 27.59 7.85
CA MET A 135 10.29 28.27 8.68
C MET A 135 10.81 28.54 10.09
N LYS A 136 11.75 27.72 10.59
CA LYS A 136 12.24 27.93 11.93
C LYS A 136 12.83 29.34 12.00
N SER A 137 13.55 29.74 10.95
CA SER A 137 14.19 31.03 10.83
C SER A 137 13.27 32.11 10.29
N ALA A 138 12.54 31.81 9.20
CA ALA A 138 11.75 32.85 8.54
C ALA A 138 10.50 33.26 9.29
N LEU A 139 9.94 32.34 10.08
CA LEU A 139 8.64 32.55 10.74
C LEU A 139 8.81 32.44 12.25
N PRO A 140 9.38 33.45 12.92
CA PRO A 140 9.69 33.32 14.35
C PRO A 140 8.58 32.93 15.30
N GLY A 141 7.41 33.50 15.10
CA GLY A 141 6.40 33.32 16.14
C GLY A 141 5.62 32.02 15.94
N SER A 142 4.42 32.01 16.50
CA SER A 142 3.49 30.90 16.46
C SER A 142 2.79 30.88 15.10
N HIS A 143 2.94 29.75 14.39
CA HIS A 143 2.32 29.56 13.11
C HIS A 143 1.85 28.11 13.04
N PRO A 144 0.56 27.85 12.84
CA PRO A 144 0.09 26.49 12.72
C PRO A 144 0.73 25.69 11.58
N VAL A 145 1.19 26.35 10.52
CA VAL A 145 1.88 25.63 9.47
C VAL A 145 3.15 24.96 9.98
N LYS A 146 3.86 25.57 10.94
CA LYS A 146 5.04 24.95 11.50
CA LYS A 146 5.04 24.95 11.50
C LYS A 146 4.68 23.62 12.15
N ASP A 147 3.51 23.57 12.80
CA ASP A 147 3.05 22.33 13.41
C ASP A 147 2.70 21.30 12.34
N SER A 148 2.14 21.77 11.23
CA SER A 148 1.82 20.89 10.14
C SER A 148 3.06 20.22 9.51
N VAL A 149 4.13 20.99 9.38
CA VAL A 149 5.40 20.45 8.95
C VAL A 149 5.93 19.42 9.96
N ASP A 150 5.89 19.77 11.26
CA ASP A 150 6.34 18.83 12.26
C ASP A 150 5.53 17.55 12.22
N ASP A 151 4.22 17.67 11.97
CA ASP A 151 3.36 16.49 11.89
C ASP A 151 3.81 15.57 10.75
N ALA A 152 4.06 16.17 9.60
CA ALA A 152 4.53 15.41 8.46
C ALA A 152 5.81 14.65 8.81
N LEU A 153 6.77 15.33 9.46
CA LEU A 153 8.03 14.71 9.85
C LEU A 153 7.81 13.57 10.83
N GLN A 154 6.83 13.71 11.71
CA GLN A 154 6.59 12.66 12.68
C GLN A 154 5.94 11.43 12.05
N TYR A 155 4.99 11.67 11.14
CA TYR A 155 4.11 10.59 10.68
C TYR A 155 4.44 9.98 9.32
N LEU A 156 5.23 10.64 8.50
CA LEU A 156 5.43 10.13 7.14
C LEU A 156 6.21 8.83 7.09
N SER A 157 7.33 8.70 7.79
CA SER A 157 8.17 7.52 7.79
CA SER A 157 8.12 7.50 7.64
C SER A 157 7.36 6.29 8.16
N PRO A 158 6.67 6.33 9.31
CA PRO A 158 5.91 5.14 9.70
C PRO A 158 4.83 4.79 8.68
N ALA A 159 4.20 5.82 8.11
CA ALA A 159 3.17 5.58 7.11
C ALA A 159 3.76 4.91 5.86
N ALA A 160 4.92 5.42 5.41
CA ALA A 160 5.60 4.81 4.30
C ALA A 160 5.90 3.35 4.59
N GLN A 161 6.32 3.05 5.81
CA GLN A 161 6.64 1.67 6.16
CA GLN A 161 6.66 1.67 6.12
C GLN A 161 5.45 0.75 6.00
N VAL A 162 4.24 1.25 6.32
CA VAL A 162 3.04 0.42 6.12
C VAL A 162 2.96 -0.03 4.65
N PHE A 163 3.12 0.91 3.74
CA PHE A 163 3.08 0.60 2.33
C PHE A 163 4.24 -0.27 1.87
N THR A 164 5.45 -0.03 2.41
CA THR A 164 6.58 -0.89 2.09
C THR A 164 6.30 -2.33 2.53
N SER A 165 5.68 -2.52 3.68
CA SER A 165 5.34 -3.84 4.19
CA SER A 165 5.33 -3.83 4.19
CA SER A 165 5.38 -3.87 4.16
C SER A 165 4.33 -4.54 3.28
N MET A 166 3.37 -3.79 2.78
CA MET A 166 2.36 -4.33 1.85
C MET A 166 3.06 -4.78 0.56
N GLN A 167 3.92 -3.90 0.03
CA GLN A 167 4.73 -4.23 -1.13
C GLN A 167 5.52 -5.50 -0.95
N SER A 168 6.22 -5.64 0.18
CA SER A 168 7.05 -6.79 0.45
CA SER A 168 7.05 -6.79 0.41
C SER A 168 6.23 -8.06 0.45
N SER A 169 5.08 -8.02 1.14
CA SER A 169 4.19 -9.18 1.22
C SER A 169 3.76 -9.66 -0.16
N LEU A 170 3.28 -8.74 -0.98
CA LEU A 170 2.77 -9.09 -2.28
C LEU A 170 3.88 -9.58 -3.20
N ASN A 171 5.07 -8.96 -3.13
CA ASN A 171 6.17 -9.45 -3.94
C ASN A 171 6.55 -10.86 -3.50
N GLU A 172 6.49 -11.15 -2.20
CA GLU A 172 6.80 -12.49 -1.74
C GLU A 172 5.75 -13.51 -2.23
N SER A 173 4.49 -13.11 -2.22
CA SER A 173 3.44 -13.98 -2.77
C SER A 173 3.70 -14.28 -4.25
N ALA A 174 4.15 -13.28 -5.01
CA ALA A 174 4.47 -13.49 -6.42
C ALA A 174 5.62 -14.46 -6.59
N LYS A 175 6.66 -14.35 -5.76
CA LYS A 175 7.78 -15.24 -5.83
CA LYS A 175 7.78 -15.24 -5.83
C LYS A 175 7.32 -16.66 -5.53
N ASN A 176 6.49 -16.78 -4.49
CA ASN A 176 6.07 -18.08 -4.03
C ASN A 176 5.24 -18.80 -5.09
N VAL A 177 4.34 -18.10 -5.79
CA VAL A 177 3.47 -18.78 -6.72
C VAL A 177 4.27 -19.27 -7.93
N VAL A 178 5.26 -18.49 -8.40
CA VAL A 178 6.14 -18.93 -9.48
C VAL A 178 6.97 -20.12 -9.01
N ALA A 179 7.56 -20.02 -7.81
CA ALA A 179 8.40 -21.09 -7.31
C ALA A 179 7.60 -22.39 -7.18
N ALA A 180 6.32 -22.28 -6.77
CA ALA A 180 5.48 -23.45 -6.61
C ALA A 180 5.26 -24.11 -7.97
N ALA A 181 4.91 -23.31 -8.97
CA ALA A 181 4.68 -23.86 -10.30
C ALA A 181 5.93 -24.51 -10.86
N ASP A 182 7.10 -23.99 -10.52
CA ASP A 182 8.37 -24.54 -11.00
C ASP A 182 8.62 -25.96 -10.47
N LYS A 183 7.98 -26.32 -9.36
CA LYS A 183 8.17 -27.65 -8.81
C LYS A 183 7.26 -28.70 -9.47
N VAL A 184 6.23 -28.23 -10.18
CA VAL A 184 5.22 -29.14 -10.71
C VAL A 184 5.86 -30.12 -11.69
N GLY A 185 5.61 -31.41 -11.44
CA GLY A 185 6.17 -32.46 -12.27
C GLY A 185 7.56 -32.90 -11.80
N LYS A 186 8.16 -32.22 -10.81
CA LYS A 186 9.53 -32.47 -10.38
C LYS A 186 9.54 -33.16 -9.02
N VAL A 187 8.59 -32.80 -8.15
CA VAL A 187 8.39 -33.42 -6.83
C VAL A 187 6.94 -33.81 -6.66
N PRO A 188 6.55 -34.63 -5.66
CA PRO A 188 5.14 -35.00 -5.46
C PRO A 188 4.24 -33.79 -5.24
N ALA A 189 3.12 -33.76 -5.93
CA ALA A 189 2.26 -32.59 -5.99
C ALA A 189 1.84 -32.09 -4.60
N ASN A 190 1.56 -33.02 -3.68
CA ASN A 190 1.03 -32.62 -2.39
C ASN A 190 2.07 -31.94 -1.53
N GLN A 191 3.36 -31.95 -1.94
CA GLN A 191 4.42 -31.33 -1.14
C GLN A 191 4.72 -29.89 -1.57
N ILE A 192 4.01 -29.37 -2.55
CA ILE A 192 4.36 -28.10 -3.16
C ILE A 192 3.77 -26.91 -2.37
N ALA A 193 2.47 -26.90 -2.13
CA ALA A 193 1.78 -25.83 -1.43
C ALA A 193 1.65 -26.19 0.04
N SER A 194 1.83 -25.19 0.92
CA SER A 194 1.62 -25.40 2.36
C SER A 194 0.16 -25.68 2.69
N GLU A 195 -0.77 -25.13 1.89
CA GLU A 195 -2.21 -25.29 2.11
C GLU A 195 -2.67 -26.64 1.60
N ASP A 196 -3.82 -27.09 2.11
CA ASP A 196 -4.30 -28.46 1.93
C ASP A 196 -5.32 -28.54 0.78
N SER A 197 -5.76 -27.40 0.23
CA SER A 197 -6.75 -27.36 -0.84
C SER A 197 -6.71 -26.02 -1.60
N GLY A 198 -7.19 -26.05 -2.84
CA GLY A 198 -7.34 -24.84 -3.61
C GLY A 198 -8.36 -23.91 -2.95
N GLU A 199 -9.40 -24.49 -2.39
CA GLU A 199 -10.45 -23.71 -1.78
C GLU A 199 -9.95 -22.95 -0.57
N ALA A 200 -9.03 -23.55 0.19
CA ALA A 200 -8.51 -22.89 1.38
C ALA A 200 -7.75 -21.62 0.96
N ILE A 201 -6.94 -21.75 -0.11
CA ILE A 201 -6.19 -20.61 -0.62
C ILE A 201 -7.15 -19.53 -1.11
N ALA A 202 -8.14 -19.89 -1.93
CA ALA A 202 -9.11 -18.93 -2.44
C ALA A 202 -9.82 -18.21 -1.31
N ASN A 203 -10.22 -18.94 -0.27
CA ASN A 203 -10.97 -18.35 0.81
C ASN A 203 -10.11 -17.33 1.54
N ALA A 204 -8.80 -17.58 1.65
CA ALA A 204 -7.93 -16.65 2.34
C ALA A 204 -7.79 -15.35 1.54
N TRP A 205 -7.67 -15.43 0.21
CA TRP A 205 -7.65 -14.22 -0.60
C TRP A 205 -9.01 -13.52 -0.59
N ALA A 206 -10.10 -14.27 -0.52
CA ALA A 206 -11.41 -13.65 -0.51
C ALA A 206 -11.57 -12.82 0.77
N LYS A 207 -11.13 -13.36 1.90
CA LYS A 207 -11.20 -12.65 3.16
C LYS A 207 -10.40 -11.35 3.16
N LEU A 208 -9.17 -11.43 2.59
CA LEU A 208 -8.39 -10.22 2.40
C LEU A 208 -9.14 -9.23 1.51
N GLY A 209 -9.78 -9.75 0.43
CA GLY A 209 -10.49 -8.88 -0.49
C GLY A 209 -11.61 -8.09 0.18
N VAL A 210 -12.30 -8.73 1.12
CA VAL A 210 -13.38 -8.04 1.83
C VAL A 210 -12.81 -6.81 2.55
N LYS A 211 -11.69 -7.02 3.24
CA LYS A 211 -11.03 -5.96 4.01
C LYS A 211 -10.50 -4.86 3.10
N ALA A 212 -9.84 -5.26 1.99
CA ALA A 212 -9.26 -4.29 1.07
C ALA A 212 -10.36 -3.45 0.44
N THR A 213 -11.48 -4.08 0.11
CA THR A 213 -12.59 -3.37 -0.52
C THR A 213 -13.12 -2.27 0.37
N ALA A 214 -13.37 -2.62 1.64
CA ALA A 214 -13.85 -1.67 2.64
C ALA A 214 -12.91 -0.47 2.76
N GLN A 215 -11.63 -0.75 2.89
CA GLN A 215 -10.64 0.31 3.00
C GLN A 215 -10.61 1.17 1.74
N ALA A 216 -10.68 0.53 0.56
CA ALA A 216 -10.65 1.30 -0.67
C ALA A 216 -11.79 2.31 -0.69
N GLU A 217 -12.98 1.86 -0.28
CA GLU A 217 -14.14 2.75 -0.29
C GLU A 217 -14.02 3.86 0.75
N ALA A 218 -13.52 3.51 1.96
CA ALA A 218 -13.30 4.51 3.00
C ALA A 218 -12.30 5.58 2.54
N TYR A 219 -11.19 5.12 1.95
CA TYR A 219 -10.18 6.04 1.47
C TYR A 219 -10.73 6.94 0.36
N ASN A 220 -11.47 6.34 -0.58
CA ASN A 220 -12.02 7.11 -1.68
C ASN A 220 -12.82 8.28 -1.15
N LYS A 221 -13.67 8.01 -0.16
CA LYS A 221 -14.44 9.08 0.46
C LYS A 221 -13.51 10.17 0.99
N TRP A 222 -12.53 9.74 1.78
CA TRP A 222 -11.68 10.68 2.49
C TRP A 222 -10.91 11.57 1.52
N GLN A 223 -10.28 10.96 0.50
CA GLN A 223 -9.43 11.76 -0.37
C GLN A 223 -10.23 12.83 -1.12
N GLY A 224 -11.49 12.53 -1.43
CA GLY A 224 -12.34 13.46 -2.15
C GLY A 224 -12.78 14.67 -1.33
N ASN A 225 -12.48 14.68 -0.05
CA ASN A 225 -12.63 15.83 0.81
C ASN A 225 -11.34 16.54 1.18
N GLN A 226 -10.22 16.17 0.56
CA GLN A 226 -8.99 16.94 0.68
C GLN A 226 -8.85 17.88 -0.55
#